data_5TJS
#
_entry.id   5TJS
#
_cell.length_a   110.218
_cell.length_b   110.218
_cell.length_c   54.921
_cell.angle_alpha   90.000
_cell.angle_beta   90.000
_cell.angle_gamma   90.000
#
_symmetry.space_group_name_H-M   'P 42 21 2'
#
loop_
_entity.id
_entity.type
_entity.pdbx_description
1 polymer 'Fructose-bisphosphate aldolase'
2 non-polymer GLYCEROL
3 water water
#
_entity_poly.entity_id   1
_entity_poly.type   'polypeptide(L)'
_entity_poly.pdbx_seq_one_letter_code
;MSGYGLPISQEVAKELAENARKIAAPGKGILAADESTGTIKKRFDSIGVENTEANRAFYRDLLFSTKGLGQYISGAILFE
ETLYQKSPSGVPMVDLLKAEGIIPGIKVDKGLETLPLTDDEKATMGLDGLSERCKKYYEAGARFAKWRAVLSIDPAKGKP
TNLSITEVAHGLARYAAICQANRLVPIVEPEILTDGSHDITVCAEVTERVLAAVFKALNDHHVLLEGALLKPNMVTHGSD
CPKPASHEEIAFYTVRSLKRTVPPALPGVMFLSGGQSEEDASLNLNEMNKMGPHPFQLSFSYGRALQASCLKAWKGVPEN
KAKAQQVLMERARANGEAQLGKYGGGAGGALAASSLFEKRYVY
;
_entity_poly.pdbx_strand_id   A
#
loop_
_chem_comp.id
_chem_comp.type
_chem_comp.name
_chem_comp.formula
GOL non-polymer GLYCEROL 'C3 H8 O3'
#
# COMPACT_ATOMS: atom_id res chain seq x y z
N SER A 2 -14.59 29.84 14.71
CA SER A 2 -15.55 29.20 15.58
C SER A 2 -16.08 27.98 14.91
N GLY A 3 -15.72 26.82 15.39
CA GLY A 3 -16.23 25.60 14.82
C GLY A 3 -15.38 24.88 13.83
N TYR A 4 -14.19 25.37 13.57
CA TYR A 4 -13.30 24.76 12.62
C TYR A 4 -12.25 23.93 13.36
N GLY A 5 -11.42 23.23 12.62
CA GLY A 5 -10.39 22.40 13.20
C GLY A 5 -9.34 23.26 13.85
N LEU A 6 -8.89 22.84 15.03
CA LEU A 6 -7.78 23.51 15.66
C LEU A 6 -6.59 23.40 14.71
N PRO A 7 -5.68 24.38 14.78
CA PRO A 7 -4.60 24.21 13.80
C PRO A 7 -3.65 23.11 14.24
N ILE A 8 -3.21 22.31 13.29
CA ILE A 8 -2.21 21.31 13.57
C ILE A 8 -0.90 21.99 13.97
N SER A 9 -0.14 21.34 14.85
CA SER A 9 1.18 21.80 15.23
C SER A 9 2.04 21.94 13.99
N GLN A 10 2.66 23.10 13.78
CA GLN A 10 3.56 23.27 12.63
C GLN A 10 4.72 22.26 12.66
N GLU A 11 5.21 21.96 13.84
CA GLU A 11 6.34 21.06 14.02
C GLU A 11 5.93 19.64 13.63
N VAL A 12 4.78 19.21 14.09
CA VAL A 12 4.24 17.90 13.71
C VAL A 12 3.94 17.83 12.21
N ALA A 13 3.26 18.85 11.69
CA ALA A 13 2.95 18.89 10.26
C ALA A 13 4.22 18.81 9.40
N LYS A 14 5.27 19.52 9.78
CA LYS A 14 6.49 19.54 8.99
C LYS A 14 7.10 18.15 8.92
N GLU A 15 7.12 17.46 10.05
CA GLU A 15 7.68 16.11 10.11
C GLU A 15 6.88 15.19 9.22
N LEU A 16 5.55 15.29 9.30
CA LEU A 16 4.71 14.42 8.49
C LEU A 16 4.91 14.66 7.00
N ALA A 17 4.96 15.93 6.60
CA ALA A 17 5.07 16.27 5.19
C ALA A 17 6.44 15.85 4.68
N GLU A 18 7.47 16.10 5.49
CA GLU A 18 8.84 15.70 5.12
C GLU A 18 8.90 14.18 4.96
N ASN A 19 8.31 13.46 5.90
CA ASN A 19 8.38 12.00 5.79
C ASN A 19 7.51 11.49 4.65
N ALA A 20 6.35 12.11 4.38
CA ALA A 20 5.55 11.62 3.26
C ALA A 20 6.31 11.83 1.94
N ARG A 21 7.00 12.95 1.80
CA ARG A 21 7.74 13.20 0.57
C ARG A 21 8.93 12.25 0.44
N LYS A 22 9.54 11.87 1.56
CA LYS A 22 10.64 10.91 1.56
C LYS A 22 10.15 9.54 1.09
N ILE A 23 8.95 9.18 1.52
CA ILE A 23 8.33 7.92 1.11
C ILE A 23 7.98 7.95 -0.37
N ALA A 24 7.44 9.08 -0.82
CA ALA A 24 7.07 9.24 -2.22
C ALA A 24 8.23 9.82 -3.04
N ALA A 25 9.43 9.35 -2.77
CA ALA A 25 10.62 9.88 -3.41
C ALA A 25 10.70 9.39 -4.88
N PRO A 26 11.14 10.26 -5.78
CA PRO A 26 11.35 9.82 -7.15
C PRO A 26 12.24 8.58 -7.29
N GLY A 27 11.76 7.66 -8.12
CA GLY A 27 12.51 6.45 -8.45
C GLY A 27 12.41 5.39 -7.36
N LYS A 28 11.54 5.63 -6.37
CA LYS A 28 11.41 4.72 -5.25
C LYS A 28 9.96 4.43 -4.91
N GLY A 29 9.76 3.35 -4.17
CA GLY A 29 8.44 3.02 -3.68
C GLY A 29 8.49 2.18 -2.43
N ILE A 30 7.33 1.65 -2.06
CA ILE A 30 7.19 0.88 -0.82
C ILE A 30 7.17 -0.61 -1.05
N LEU A 31 7.90 -1.33 -0.18
CA LEU A 31 7.79 -2.77 -0.09
C LEU A 31 6.78 -3.13 0.99
N ALA A 32 5.70 -3.79 0.58
CA ALA A 32 4.66 -4.17 1.53
C ALA A 32 4.95 -5.58 1.99
N ALA A 33 5.41 -5.67 3.24
CA ALA A 33 5.83 -6.91 3.84
C ALA A 33 5.06 -7.12 5.15
N ASP A 34 3.85 -6.60 5.20
CA ASP A 34 3.05 -6.64 6.43
C ASP A 34 2.03 -7.77 6.45
N GLU A 35 2.34 -8.89 5.80
CA GLU A 35 1.49 -10.08 5.86
C GLU A 35 1.34 -10.56 7.29
N SER A 36 0.11 -10.74 7.73
CA SER A 36 -0.18 -11.31 9.05
C SER A 36 0.34 -12.73 9.18
N THR A 37 0.29 -13.25 10.40
CA THR A 37 0.72 -14.62 10.69
C THR A 37 0.05 -15.61 9.76
N GLY A 38 -1.20 -15.34 9.42
CA GLY A 38 -2.01 -16.24 8.65
C GLY A 38 -1.82 -16.07 7.16
N THR A 39 -1.77 -14.82 6.73
CA THR A 39 -1.58 -14.51 5.32
C THR A 39 -0.24 -15.04 4.83
N ILE A 40 0.76 -15.01 5.71
CA ILE A 40 2.09 -15.47 5.35
C ILE A 40 2.13 -17.00 5.33
N LYS A 41 1.30 -17.65 6.14
CA LYS A 41 1.18 -19.11 6.11
C LYS A 41 0.94 -19.57 4.68
N LYS A 42 0.04 -18.86 4.02
CA LYS A 42 -0.30 -19.15 2.63
C LYS A 42 0.94 -19.10 1.73
N ARG A 43 1.71 -18.03 1.80
CA ARG A 43 2.87 -17.89 0.96
C ARG A 43 3.87 -18.95 1.21
N PHE A 44 4.14 -19.14 2.46
CA PHE A 44 5.10 -20.15 2.86
C PHE A 44 4.66 -21.53 2.39
N ASP A 45 3.35 -21.73 2.28
CA ASP A 45 2.81 -23.02 1.85
C ASP A 45 3.15 -23.26 0.39
N SER A 46 3.11 -22.19 -0.41
CA SER A 46 3.35 -22.29 -1.84
C SER A 46 4.78 -22.68 -2.18
N ILE A 47 5.59 -22.91 -1.15
CA ILE A 47 6.95 -23.36 -1.33
C ILE A 47 7.33 -24.39 -0.27
N GLY A 48 6.34 -24.89 0.45
CA GLY A 48 6.56 -25.97 1.41
C GLY A 48 7.45 -25.59 2.58
N VAL A 49 7.18 -24.43 3.16
CA VAL A 49 7.88 -23.97 4.36
C VAL A 49 6.89 -23.92 5.52
N GLU A 50 7.31 -24.39 6.69
CA GLU A 50 6.45 -24.39 7.86
C GLU A 50 6.52 -23.03 8.57
N ASN A 51 5.35 -22.45 8.80
CA ASN A 51 5.24 -21.10 9.33
C ASN A 51 5.68 -21.02 10.78
N THR A 52 6.97 -21.19 11.03
CA THR A 52 7.51 -20.94 12.36
C THR A 52 7.89 -19.47 12.46
N GLU A 53 8.00 -18.97 13.69
CA GLU A 53 8.55 -17.65 13.89
C GLU A 53 9.91 -17.59 13.22
N ALA A 54 10.73 -18.61 13.49
CA ALA A 54 12.08 -18.67 12.92
C ALA A 54 12.08 -18.49 11.41
N ASN A 55 11.11 -19.07 10.72
CA ASN A 55 11.13 -18.96 9.27
C ASN A 55 10.67 -17.58 8.82
N ARG A 56 9.68 -17.02 9.51
CA ARG A 56 9.22 -15.66 9.20
C ARG A 56 10.36 -14.68 9.40
N ALA A 57 11.12 -14.88 10.46
CA ALA A 57 12.26 -14.03 10.76
C ALA A 57 13.37 -14.20 9.71
N PHE A 58 13.62 -15.43 9.28
CA PHE A 58 14.62 -15.67 8.23
C PHE A 58 14.24 -14.93 6.96
N TYR A 59 12.98 -15.05 6.57
CA TYR A 59 12.50 -14.49 5.33
C TYR A 59 12.44 -12.96 5.38
N ARG A 60 12.02 -12.38 6.49
CA ARG A 60 11.94 -10.92 6.56
C ARG A 60 13.35 -10.38 6.58
N ASP A 61 14.27 -11.16 7.17
CA ASP A 61 15.68 -10.83 7.15
C ASP A 61 16.20 -10.90 5.74
N LEU A 62 15.80 -11.94 5.02
CA LEU A 62 16.22 -12.11 3.63
C LEU A 62 15.80 -10.84 2.87
N LEU A 63 14.56 -10.42 3.07
CA LEU A 63 14.07 -9.22 2.37
C LEU A 63 14.86 -7.97 2.74
N PHE A 64 14.92 -7.69 4.03
CA PHE A 64 15.36 -6.38 4.48
C PHE A 64 16.87 -6.22 4.51
N SER A 65 17.60 -7.33 4.55
CA SER A 65 19.05 -7.24 4.49
C SER A 65 19.58 -7.33 3.07
N THR A 66 18.71 -7.17 2.09
CA THR A 66 19.16 -7.18 0.70
C THR A 66 20.00 -5.95 0.41
N LYS A 67 21.26 -6.16 0.03
CA LYS A 67 22.21 -5.07 -0.14
C LYS A 67 21.83 -4.15 -1.29
N GLY A 68 21.68 -2.87 -1.00
CA GLY A 68 21.33 -1.88 -2.00
C GLY A 68 19.85 -1.70 -2.26
N LEU A 69 19.01 -2.35 -1.46
CA LEU A 69 17.57 -2.28 -1.63
C LEU A 69 17.06 -0.85 -1.52
N GLY A 70 17.71 -0.04 -0.70
CA GLY A 70 17.25 1.32 -0.45
C GLY A 70 17.42 2.26 -1.64
N GLN A 71 18.13 1.82 -2.68
CA GLN A 71 18.18 2.57 -3.93
C GLN A 71 16.78 2.70 -4.54
N TYR A 72 15.93 1.69 -4.32
CA TYR A 72 14.64 1.61 -4.99
C TYR A 72 13.44 1.59 -4.04
N ILE A 73 13.72 1.30 -2.77
CA ILE A 73 12.68 1.14 -1.76
C ILE A 73 12.83 2.25 -0.72
N SER A 74 11.79 3.08 -0.60
CA SER A 74 11.80 4.21 0.31
C SER A 74 11.31 3.82 1.71
N GLY A 75 10.43 2.82 1.75
CA GLY A 75 9.79 2.41 2.99
C GLY A 75 9.33 0.96 2.95
N ALA A 76 9.14 0.37 4.12
CA ALA A 76 8.68 -1.01 4.24
C ALA A 76 7.57 -1.08 5.26
N ILE A 77 6.41 -1.58 4.84
CA ILE A 77 5.31 -1.78 5.75
C ILE A 77 5.49 -3.10 6.45
N LEU A 78 5.52 -3.05 7.79
CA LEU A 78 5.71 -4.23 8.64
C LEU A 78 4.42 -4.64 9.36
N PHE A 79 4.32 -5.93 9.65
CA PHE A 79 3.37 -6.47 10.60
C PHE A 79 3.92 -6.24 12.00
N GLU A 80 3.07 -6.15 13.01
CA GLU A 80 3.54 -5.83 14.36
C GLU A 80 4.63 -6.77 14.84
N GLU A 81 4.51 -8.05 14.53
CA GLU A 81 5.49 -9.02 14.98
C GLU A 81 6.88 -8.60 14.52
N THR A 82 6.97 -8.21 13.26
CA THR A 82 8.23 -7.94 12.62
C THR A 82 8.85 -6.65 13.16
N LEU A 83 8.01 -5.68 13.50
CA LEU A 83 8.50 -4.38 14.00
C LEU A 83 9.32 -4.62 15.26
N TYR A 84 8.92 -5.60 16.06
CA TYR A 84 9.64 -5.89 17.30
C TYR A 84 10.48 -7.16 17.23
N GLN A 85 10.74 -7.65 16.02
CA GLN A 85 11.51 -8.89 15.83
C GLN A 85 12.99 -8.68 15.57
N LYS A 86 13.75 -9.74 15.84
CA LYS A 86 15.16 -9.82 15.48
C LYS A 86 15.39 -10.82 14.35
N SER A 87 16.39 -10.55 13.53
CA SER A 87 16.82 -11.48 12.51
C SER A 87 17.44 -12.68 13.21
N PRO A 88 17.60 -13.80 12.49
CA PRO A 88 18.27 -14.95 13.10
C PRO A 88 19.62 -14.59 13.72
N SER A 89 20.37 -13.75 13.03
CA SER A 89 21.66 -13.29 13.52
C SER A 89 21.53 -12.38 14.73
N GLY A 90 20.30 -12.02 15.08
CA GLY A 90 20.03 -11.23 16.27
C GLY A 90 19.92 -9.73 16.06
N VAL A 91 19.86 -9.29 14.80
CA VAL A 91 19.78 -7.86 14.51
C VAL A 91 18.31 -7.47 14.40
N PRO A 92 17.90 -6.42 15.14
CA PRO A 92 16.50 -5.99 14.98
C PRO A 92 16.17 -5.66 13.54
N MET A 93 15.01 -6.13 13.09
CA MET A 93 14.52 -5.84 11.76
C MET A 93 14.57 -4.35 11.45
N VAL A 94 14.21 -3.51 12.43
CA VAL A 94 14.18 -2.07 12.15
C VAL A 94 15.58 -1.56 11.89
N ASP A 95 16.58 -2.20 12.49
CA ASP A 95 17.95 -1.77 12.29
C ASP A 95 18.45 -2.16 10.88
N LEU A 96 17.96 -3.27 10.34
CA LEU A 96 18.28 -3.64 8.95
C LEU A 96 17.70 -2.59 7.99
N LEU A 97 16.49 -2.15 8.26
CA LEU A 97 15.86 -1.11 7.46
C LEU A 97 16.65 0.20 7.55
N LYS A 98 16.95 0.66 8.76
CA LYS A 98 17.70 1.88 8.95
C LYS A 98 19.06 1.90 8.21
N ALA A 99 19.75 0.76 8.17
CA ALA A 99 21.05 0.65 7.51
C ALA A 99 20.96 0.89 6.01
N GLU A 100 19.81 0.55 5.42
CA GLU A 100 19.57 0.83 4.00
C GLU A 100 18.87 2.17 3.79
N GLY A 101 18.57 2.86 4.89
CA GLY A 101 17.87 4.14 4.81
C GLY A 101 16.41 3.96 4.45
N ILE A 102 15.87 2.79 4.75
CA ILE A 102 14.46 2.50 4.45
C ILE A 102 13.66 2.87 5.68
N ILE A 103 12.57 3.61 5.48
CA ILE A 103 11.71 4.02 6.57
C ILE A 103 10.79 2.88 6.97
N PRO A 104 10.76 2.52 8.27
CA PRO A 104 9.79 1.52 8.74
C PRO A 104 8.36 2.04 8.83
N GLY A 105 7.40 1.23 8.36
CA GLY A 105 5.98 1.52 8.53
C GLY A 105 5.30 0.35 9.20
N ILE A 106 4.09 0.58 9.67
CA ILE A 106 3.38 -0.40 10.46
C ILE A 106 1.91 -0.49 10.03
N LYS A 107 1.44 -1.71 9.82
N LYS A 107 1.43 -1.71 9.83
CA LYS A 107 0.01 -1.96 9.63
CA LYS A 107 0.01 -1.92 9.57
C LYS A 107 -0.70 -1.77 10.95
C LYS A 107 -0.75 -1.82 10.90
N VAL A 108 -1.75 -0.94 10.99
CA VAL A 108 -2.42 -0.68 12.26
C VAL A 108 -3.92 -1.05 12.32
N ASP A 109 -4.52 -1.49 11.22
CA ASP A 109 -5.89 -1.93 11.32
C ASP A 109 -6.00 -3.31 11.93
N LYS A 110 -7.19 -3.63 12.39
CA LYS A 110 -7.43 -4.91 13.03
C LYS A 110 -8.29 -5.79 12.16
N GLY A 111 -8.25 -5.56 10.86
CA GLY A 111 -8.93 -6.42 9.93
C GLY A 111 -10.38 -6.05 9.68
N LEU A 112 -11.10 -6.98 9.08
CA LEU A 112 -12.42 -6.70 8.49
C LEU A 112 -13.53 -7.38 9.25
N GLU A 113 -14.68 -6.72 9.30
CA GLU A 113 -15.88 -7.30 9.89
C GLU A 113 -17.08 -6.92 9.03
N THR A 114 -18.01 -7.84 8.82
CA THR A 114 -19.18 -7.54 8.02
C THR A 114 -20.06 -6.47 8.68
N LEU A 115 -20.51 -5.55 7.87
CA LEU A 115 -21.50 -4.55 8.25
C LEU A 115 -22.85 -5.25 8.40
N PRO A 116 -23.50 -5.11 9.56
CA PRO A 116 -24.78 -5.79 9.70
C PRO A 116 -25.78 -5.43 8.59
N LEU A 117 -26.42 -6.48 8.08
CA LEU A 117 -27.50 -6.41 7.10
C LEU A 117 -27.04 -5.90 5.74
N THR A 118 -25.75 -6.09 5.47
CA THR A 118 -25.23 -5.96 4.11
C THR A 118 -24.93 -7.35 3.58
N ASP A 119 -24.70 -7.43 2.27
CA ASP A 119 -24.33 -8.68 1.66
C ASP A 119 -22.83 -8.83 1.76
N ASP A 120 -22.38 -9.10 2.97
CA ASP A 120 -20.98 -9.36 3.21
C ASP A 120 -20.06 -8.21 2.85
N GLU A 121 -20.52 -6.97 3.05
CA GLU A 121 -19.67 -5.81 2.84
C GLU A 121 -18.97 -5.52 4.16
N LYS A 122 -17.73 -5.05 4.08
CA LYS A 122 -16.80 -5.05 5.22
C LYS A 122 -16.49 -3.68 5.78
N ALA A 123 -16.53 -3.59 7.11
CA ALA A 123 -15.99 -2.43 7.84
C ALA A 123 -14.56 -2.81 8.20
N THR A 124 -13.67 -1.83 8.25
CA THR A 124 -12.34 -2.07 8.81
C THR A 124 -12.33 -1.64 10.27
N MET A 125 -11.85 -2.53 11.13
CA MET A 125 -11.83 -2.32 12.57
C MET A 125 -10.43 -1.89 12.99
N GLY A 126 -10.31 -1.26 14.16
CA GLY A 126 -9.00 -0.92 14.70
C GLY A 126 -8.85 0.43 15.37
N LEU A 127 -9.89 1.25 15.41
CA LEU A 127 -9.75 2.56 16.05
C LEU A 127 -9.53 2.52 17.56
N ASP A 128 -10.02 1.48 18.22
CA ASP A 128 -9.92 1.42 19.67
C ASP A 128 -8.45 1.15 20.03
N GLY A 129 -7.86 2.00 20.88
CA GLY A 129 -6.46 1.87 21.24
C GLY A 129 -5.50 2.36 20.17
N LEU A 130 -6.04 2.81 19.05
CA LEU A 130 -5.16 3.13 17.93
C LEU A 130 -4.19 4.23 18.31
N SER A 131 -4.69 5.27 18.96
CA SER A 131 -3.83 6.40 19.29
C SER A 131 -2.66 5.90 20.17
N GLU A 132 -2.97 5.06 21.15
CA GLU A 132 -1.91 4.56 22.02
C GLU A 132 -0.97 3.61 21.27
N ARG A 133 -1.49 2.77 20.38
CA ARG A 133 -0.62 1.93 19.57
C ARG A 133 0.33 2.80 18.71
N CYS A 134 -0.20 3.89 18.14
CA CYS A 134 0.64 4.72 17.28
C CYS A 134 1.83 5.27 18.03
N LYS A 135 1.61 5.68 19.27
CA LYS A 135 2.67 6.21 20.13
C LYS A 135 3.78 5.19 20.34
N LYS A 136 3.37 3.97 20.71
CA LYS A 136 4.33 2.89 20.88
C LYS A 136 5.07 2.57 19.58
N TYR A 137 4.34 2.52 18.46
CA TYR A 137 4.97 2.18 17.19
C TYR A 137 5.96 3.26 16.78
N TYR A 138 5.63 4.53 17.06
CA TYR A 138 6.58 5.60 16.76
C TYR A 138 7.87 5.42 17.58
N GLU A 139 7.71 5.10 18.86
CA GLU A 139 8.88 4.90 19.73
C GLU A 139 9.74 3.74 19.23
N ALA A 140 9.09 2.76 18.60
CA ALA A 140 9.76 1.56 18.06
C ALA A 140 10.42 1.82 16.70
N GLY A 141 10.14 2.96 16.10
CA GLY A 141 10.82 3.37 14.88
C GLY A 141 9.95 3.54 13.64
N ALA A 142 8.67 3.20 13.72
CA ALA A 142 7.76 3.43 12.60
C ALA A 142 7.57 4.93 12.37
N ARG A 143 7.47 5.33 11.10
CA ARG A 143 7.15 6.70 10.76
C ARG A 143 5.93 6.82 9.81
N PHE A 144 5.38 5.70 9.38
CA PHE A 144 4.13 5.73 8.65
C PHE A 144 3.31 4.51 8.99
N ALA A 145 2.03 4.59 8.64
CA ALA A 145 1.06 3.56 9.00
C ALA A 145 0.24 3.18 7.78
N LYS A 146 -0.48 2.07 7.91
CA LYS A 146 -1.33 1.61 6.84
C LYS A 146 -2.60 1.02 7.43
N TRP A 147 -3.72 1.32 6.79
CA TRP A 147 -5.05 0.84 7.19
C TRP A 147 -5.76 0.47 5.91
N ARG A 148 -6.13 -0.80 5.78
CA ARG A 148 -6.78 -1.28 4.58
C ARG A 148 -8.30 -1.43 4.73
N ALA A 149 -9.04 -0.72 3.87
CA ALA A 149 -10.47 -0.91 3.70
C ALA A 149 -10.72 -1.61 2.35
N VAL A 150 -11.81 -2.36 2.26
CA VAL A 150 -12.12 -3.13 1.07
C VAL A 150 -13.56 -2.90 0.62
N LEU A 151 -13.72 -2.71 -0.70
CA LEU A 151 -15.02 -2.57 -1.33
C LEU A 151 -15.10 -3.54 -2.48
N SER A 152 -16.32 -3.94 -2.83
CA SER A 152 -16.59 -4.89 -3.91
C SER A 152 -17.45 -4.22 -4.96
N ILE A 153 -17.29 -4.64 -6.22
CA ILE A 153 -18.15 -4.21 -7.31
C ILE A 153 -19.08 -5.36 -7.66
N ASP A 154 -20.38 -5.11 -7.61
CA ASP A 154 -21.36 -6.11 -8.05
C ASP A 154 -22.60 -5.37 -8.49
N PRO A 155 -22.73 -5.14 -9.82
CA PRO A 155 -23.83 -4.27 -10.25
C PRO A 155 -25.18 -4.85 -9.88
N ALA A 156 -25.29 -6.16 -9.95
CA ALA A 156 -26.55 -6.84 -9.66
C ALA A 156 -26.96 -6.63 -8.20
N LYS A 157 -26.00 -6.46 -7.31
CA LYS A 157 -26.31 -6.31 -5.89
C LYS A 157 -26.18 -4.86 -5.40
N GLY A 158 -25.93 -3.94 -6.32
CA GLY A 158 -25.70 -2.56 -5.94
C GLY A 158 -24.45 -2.29 -5.12
N LYS A 159 -23.46 -3.18 -5.21
CA LYS A 159 -22.21 -3.00 -4.48
C LYS A 159 -21.20 -2.20 -5.33
N PRO A 160 -20.44 -1.27 -4.70
CA PRO A 160 -20.47 -0.97 -3.26
C PRO A 160 -21.68 -0.12 -2.87
N THR A 161 -22.38 -0.53 -1.82
CA THR A 161 -23.52 0.23 -1.35
C THR A 161 -23.14 1.54 -0.68
N ASN A 162 -24.12 2.42 -0.46
CA ASN A 162 -23.83 3.69 0.20
C ASN A 162 -23.26 3.46 1.58
N LEU A 163 -23.77 2.45 2.29
CA LEU A 163 -23.29 2.20 3.65
C LEU A 163 -21.84 1.74 3.63
N SER A 164 -21.50 0.88 2.68
CA SER A 164 -20.10 0.45 2.50
C SER A 164 -19.16 1.67 2.28
N ILE A 165 -19.53 2.56 1.37
CA ILE A 165 -18.66 3.68 1.04
C ILE A 165 -18.55 4.63 2.21
N THR A 166 -19.67 4.88 2.88
CA THR A 166 -19.69 5.77 4.03
C THR A 166 -18.81 5.23 5.16
N GLU A 167 -18.94 3.93 5.42
CA GLU A 167 -18.13 3.31 6.46
C GLU A 167 -16.63 3.35 6.14
N VAL A 168 -16.25 2.97 4.92
CA VAL A 168 -14.85 2.98 4.49
C VAL A 168 -14.27 4.37 4.69
N ALA A 169 -14.97 5.40 4.22
CA ALA A 169 -14.48 6.77 4.31
C ALA A 169 -14.32 7.23 5.76
N HIS A 170 -15.26 6.82 6.62
CA HIS A 170 -15.25 7.26 8.00
C HIS A 170 -14.08 6.64 8.72
N GLY A 171 -13.89 5.34 8.53
CA GLY A 171 -12.81 4.65 9.20
C GLY A 171 -11.46 5.17 8.77
N LEU A 172 -11.30 5.40 7.47
CA LEU A 172 -10.03 5.92 6.93
C LEU A 172 -9.73 7.30 7.45
N ALA A 173 -10.75 8.15 7.50
CA ALA A 173 -10.52 9.51 7.96
C ALA A 173 -10.17 9.58 9.44
N ARG A 174 -10.90 8.80 10.26
CA ARG A 174 -10.56 8.76 11.69
C ARG A 174 -9.14 8.24 11.89
N TYR A 175 -8.84 7.12 11.25
CA TYR A 175 -7.51 6.52 11.34
C TYR A 175 -6.42 7.50 10.92
N ALA A 176 -6.68 8.24 9.84
CA ALA A 176 -5.65 9.14 9.33
C ALA A 176 -5.40 10.26 10.29
N ALA A 177 -6.47 10.83 10.87
CA ALA A 177 -6.28 11.95 11.80
C ALA A 177 -5.58 11.49 13.08
N ILE A 178 -5.91 10.30 13.55
CA ILE A 178 -5.24 9.73 14.75
C ILE A 178 -3.76 9.50 14.49
N CYS A 179 -3.43 8.94 13.33
CA CYS A 179 -2.02 8.78 12.95
C CYS A 179 -1.27 10.11 12.99
N GLN A 180 -1.86 11.13 12.37
CA GLN A 180 -1.16 12.39 12.27
C GLN A 180 -1.02 13.05 13.63
N ALA A 181 -1.93 12.76 14.54
CA ALA A 181 -1.80 13.31 15.88
C ALA A 181 -0.62 12.64 16.61
N ASN A 182 -0.16 11.50 16.10
CA ASN A 182 0.91 10.74 16.76
C ASN A 182 2.18 10.67 15.90
N ARG A 183 2.27 11.59 14.95
CA ARG A 183 3.48 11.77 14.14
C ARG A 183 3.73 10.64 13.14
N LEU A 184 2.69 9.90 12.77
CA LEU A 184 2.78 8.88 11.72
C LEU A 184 2.06 9.32 10.46
N VAL A 185 2.74 9.21 9.32
CA VAL A 185 2.12 9.45 8.01
C VAL A 185 1.12 8.36 7.71
N PRO A 186 -0.18 8.71 7.52
CA PRO A 186 -1.11 7.60 7.22
C PRO A 186 -1.16 7.28 5.73
N ILE A 187 -0.97 6.02 5.39
CA ILE A 187 -1.37 5.52 4.10
C ILE A 187 -2.84 5.15 4.16
N VAL A 188 -3.60 5.77 3.28
CA VAL A 188 -5.04 5.63 3.15
C VAL A 188 -5.29 4.62 2.05
N GLU A 189 -5.73 3.42 2.39
CA GLU A 189 -5.95 2.35 1.40
C GLU A 189 -7.42 1.93 1.27
N PRO A 190 -8.13 2.53 0.31
CA PRO A 190 -9.48 2.08 -0.01
C PRO A 190 -9.40 1.15 -1.20
N GLU A 191 -9.30 -0.14 -0.95
CA GLU A 191 -9.11 -1.06 -2.07
C GLU A 191 -10.43 -1.54 -2.63
N ILE A 192 -10.64 -1.25 -3.91
CA ILE A 192 -11.76 -1.81 -4.65
C ILE A 192 -11.27 -3.08 -5.27
N LEU A 193 -11.87 -4.20 -4.85
CA LEU A 193 -11.44 -5.53 -5.26
C LEU A 193 -11.73 -5.73 -6.73
N THR A 194 -10.95 -6.56 -7.41
CA THR A 194 -11.18 -6.83 -8.82
C THR A 194 -12.24 -7.90 -9.04
N ASP A 195 -12.75 -8.52 -7.97
CA ASP A 195 -13.72 -9.63 -8.15
C ASP A 195 -14.83 -9.23 -9.11
N GLY A 196 -15.19 -10.12 -10.04
CA GLY A 196 -16.34 -9.92 -10.92
C GLY A 196 -15.97 -9.77 -12.38
N SER A 197 -16.98 -9.52 -13.22
CA SER A 197 -16.82 -9.54 -14.66
C SER A 197 -17.02 -8.17 -15.29
N HIS A 198 -16.88 -7.14 -14.48
CA HIS A 198 -17.17 -5.79 -14.91
C HIS A 198 -16.04 -5.25 -15.77
N ASP A 199 -16.40 -4.28 -16.59
CA ASP A 199 -15.48 -3.60 -17.49
C ASP A 199 -14.59 -2.59 -16.75
N ILE A 200 -13.51 -2.15 -17.40
CA ILE A 200 -12.65 -1.15 -16.80
C ILE A 200 -13.38 0.17 -16.56
N THR A 201 -14.36 0.48 -17.40
CA THR A 201 -15.12 1.73 -17.25
C THR A 201 -15.98 1.68 -16.00
N VAL A 202 -16.46 0.50 -15.63
CA VAL A 202 -17.20 0.36 -14.38
C VAL A 202 -16.27 0.54 -13.19
N CYS A 203 -15.08 -0.07 -13.24
CA CYS A 203 -14.09 0.15 -12.21
C CYS A 203 -13.79 1.66 -12.10
N ALA A 204 -13.71 2.35 -13.23
CA ALA A 204 -13.37 3.79 -13.18
C ALA A 204 -14.45 4.57 -12.46
N GLU A 205 -15.71 4.27 -12.78
CA GLU A 205 -16.83 4.99 -12.16
C GLU A 205 -16.84 4.79 -10.65
N VAL A 206 -16.70 3.54 -10.24
CA VAL A 206 -16.73 3.20 -8.82
C VAL A 206 -15.54 3.82 -8.08
N THR A 207 -14.34 3.70 -8.66
CA THR A 207 -13.16 4.30 -8.05
C THR A 207 -13.38 5.78 -7.87
N GLU A 208 -13.93 6.46 -8.88
CA GLU A 208 -14.12 7.90 -8.74
C GLU A 208 -15.09 8.22 -7.60
N ARG A 209 -16.20 7.50 -7.53
CA ARG A 209 -17.17 7.74 -6.46
C ARG A 209 -16.55 7.52 -5.08
N VAL A 210 -15.82 6.41 -4.92
CA VAL A 210 -15.17 6.09 -3.66
C VAL A 210 -14.13 7.13 -3.28
N LEU A 211 -13.25 7.50 -4.22
CA LEU A 211 -12.22 8.47 -3.86
C LEU A 211 -12.83 9.83 -3.56
N ALA A 212 -13.89 10.21 -4.27
CA ALA A 212 -14.53 11.50 -3.93
C ALA A 212 -15.05 11.49 -2.50
N ALA A 213 -15.64 10.37 -2.10
CA ALA A 213 -16.12 10.23 -0.73
C ALA A 213 -15.00 10.21 0.29
N VAL A 214 -13.94 9.46 -0.01
CA VAL A 214 -12.78 9.40 0.88
C VAL A 214 -12.18 10.78 1.08
N PHE A 215 -11.92 11.52 0.01
CA PHE A 215 -11.26 12.82 0.23
C PHE A 215 -12.16 13.86 0.87
N LYS A 216 -13.46 13.79 0.62
CA LYS A 216 -14.37 14.66 1.38
C LYS A 216 -14.30 14.34 2.89
N ALA A 217 -14.28 13.06 3.25
CA ALA A 217 -14.18 12.67 4.66
C ALA A 217 -12.83 13.05 5.28
N LEU A 218 -11.74 12.92 4.52
CA LEU A 218 -10.45 13.36 5.03
C LEU A 218 -10.53 14.84 5.36
N ASN A 219 -11.17 15.63 4.49
CA ASN A 219 -11.29 17.05 4.77
C ASN A 219 -12.13 17.31 6.03
N ASP A 220 -13.27 16.62 6.12
CA ASP A 220 -14.14 16.73 7.29
C ASP A 220 -13.41 16.44 8.63
N HIS A 221 -12.45 15.52 8.61
CA HIS A 221 -11.74 15.09 9.80
C HIS A 221 -10.42 15.82 10.02
N HIS A 222 -10.15 16.85 9.22
CA HIS A 222 -9.00 17.73 9.41
C HIS A 222 -7.67 17.00 9.13
N VAL A 223 -7.72 16.07 8.18
CA VAL A 223 -6.50 15.35 7.77
C VAL A 223 -5.65 16.24 6.90
N LEU A 224 -4.37 16.30 7.21
CA LEU A 224 -3.39 17.06 6.44
C LEU A 224 -2.95 16.27 5.21
N LEU A 225 -3.36 16.71 4.03
CA LEU A 225 -3.08 15.94 2.82
C LEU A 225 -1.57 15.96 2.56
N GLU A 226 -0.92 17.06 2.91
CA GLU A 226 0.50 17.21 2.71
C GLU A 226 1.30 16.14 3.44
N GLY A 227 0.71 15.52 4.48
CA GLY A 227 1.39 14.52 5.28
C GLY A 227 0.70 13.18 5.25
N ALA A 228 0.08 12.86 4.11
CA ALA A 228 -0.63 11.60 3.91
C ALA A 228 -0.26 11.02 2.55
N LEU A 229 -0.59 9.75 2.35
CA LEU A 229 -0.39 9.06 1.10
C LEU A 229 -1.64 8.25 0.78
N LEU A 230 -1.91 8.06 -0.51
CA LEU A 230 -3.03 7.22 -0.96
C LEU A 230 -2.48 5.93 -1.57
N LYS A 231 -3.15 4.83 -1.24
CA LYS A 231 -2.82 3.52 -1.79
C LYS A 231 -4.09 2.92 -2.36
N PRO A 232 -4.40 3.27 -3.62
CA PRO A 232 -5.62 2.80 -4.26
C PRO A 232 -5.34 1.66 -5.21
N ASN A 233 -6.39 0.96 -5.59
CA ASN A 233 -6.32 0.07 -6.72
C ASN A 233 -6.03 0.87 -8.00
N MET A 234 -5.29 0.26 -8.92
CA MET A 234 -5.31 0.73 -10.30
C MET A 234 -6.72 0.49 -10.85
N VAL A 235 -7.09 1.20 -11.91
CA VAL A 235 -8.38 0.98 -12.53
C VAL A 235 -8.20 -0.10 -13.62
N THR A 236 -8.90 -1.21 -13.47
CA THR A 236 -8.76 -2.37 -14.37
C THR A 236 -10.08 -3.05 -14.61
N HIS A 237 -10.14 -3.92 -15.62
CA HIS A 237 -11.22 -4.89 -15.77
C HIS A 237 -11.29 -5.75 -14.52
N GLY A 238 -12.45 -6.34 -14.28
CA GLY A 238 -12.62 -7.31 -13.23
C GLY A 238 -11.86 -8.58 -13.51
N SER A 239 -11.54 -9.31 -12.46
CA SER A 239 -10.64 -10.46 -12.58
C SER A 239 -11.28 -11.65 -13.32
N ASP A 240 -12.59 -11.67 -13.44
CA ASP A 240 -13.25 -12.72 -14.24
C ASP A 240 -13.33 -12.41 -15.73
N CYS A 241 -12.82 -11.27 -16.15
CA CYS A 241 -12.71 -10.96 -17.57
C CYS A 241 -11.64 -11.82 -18.25
N PRO A 242 -11.97 -12.44 -19.39
CA PRO A 242 -10.99 -13.27 -20.10
C PRO A 242 -9.86 -12.45 -20.73
N LYS A 243 -10.17 -11.22 -21.11
CA LYS A 243 -9.20 -10.27 -21.67
C LYS A 243 -8.77 -9.26 -20.61
N PRO A 244 -7.46 -9.19 -20.29
CA PRO A 244 -7.11 -8.09 -19.41
C PRO A 244 -6.98 -6.79 -20.21
N ALA A 245 -7.34 -5.66 -19.62
CA ALA A 245 -7.18 -4.38 -20.28
C ALA A 245 -5.71 -4.18 -20.63
N SER A 246 -5.44 -3.43 -21.70
CA SER A 246 -4.08 -3.10 -22.09
C SER A 246 -3.42 -2.19 -21.07
N HIS A 247 -2.10 -2.15 -21.07
CA HIS A 247 -1.39 -1.30 -20.14
C HIS A 247 -1.72 0.17 -20.38
N GLU A 248 -1.90 0.53 -21.64
CA GLU A 248 -2.21 1.90 -22.03
C GLU A 248 -3.56 2.30 -21.44
N GLU A 249 -4.54 1.42 -21.57
CA GLU A 249 -5.89 1.62 -21.01
C GLU A 249 -5.88 1.73 -19.50
N ILE A 250 -5.19 0.80 -18.85
CA ILE A 250 -5.14 0.83 -17.39
C ILE A 250 -4.51 2.14 -16.92
N ALA A 251 -3.44 2.54 -17.59
CA ALA A 251 -2.75 3.79 -17.24
C ALA A 251 -3.70 4.98 -17.47
N PHE A 252 -4.42 4.97 -18.57
CA PHE A 252 -5.26 6.11 -18.88
C PHE A 252 -6.38 6.29 -17.84
N TYR A 253 -7.13 5.25 -17.57
CA TYR A 253 -8.27 5.35 -16.65
C TYR A 253 -7.83 5.53 -15.22
N THR A 254 -6.67 4.98 -14.87
CA THR A 254 -6.19 5.12 -13.52
C THR A 254 -5.82 6.58 -13.24
N VAL A 255 -5.05 7.16 -14.15
CA VAL A 255 -4.63 8.54 -13.99
C VAL A 255 -5.85 9.45 -14.02
N ARG A 256 -6.78 9.17 -14.92
CA ARG A 256 -7.99 9.96 -15.03
C ARG A 256 -8.78 9.95 -13.73
N SER A 257 -8.94 8.77 -13.15
CA SER A 257 -9.73 8.65 -11.92
C SER A 257 -9.10 9.43 -10.79
N LEU A 258 -7.78 9.40 -10.70
CA LEU A 258 -7.06 10.17 -9.70
C LEU A 258 -7.17 11.68 -9.95
N LYS A 259 -6.99 12.12 -11.19
CA LYS A 259 -6.96 13.56 -11.43
C LYS A 259 -8.36 14.13 -11.22
N ARG A 260 -9.38 13.27 -11.34
CA ARG A 260 -10.73 13.73 -11.14
C ARG A 260 -11.14 13.88 -9.69
N THR A 261 -10.35 13.32 -8.77
CA THR A 261 -10.79 13.24 -7.38
C THR A 261 -9.77 13.63 -6.31
N VAL A 262 -8.48 13.54 -6.62
CA VAL A 262 -7.44 13.69 -5.61
C VAL A 262 -6.82 15.08 -5.65
N PRO A 263 -6.93 15.85 -4.55
CA PRO A 263 -6.35 17.19 -4.57
C PRO A 263 -4.82 17.11 -4.65
N PRO A 264 -4.19 18.06 -5.35
CA PRO A 264 -2.74 17.86 -5.60
C PRO A 264 -1.81 18.19 -4.42
N ALA A 265 -2.35 18.61 -3.29
CA ALA A 265 -1.54 18.74 -2.07
C ALA A 265 -1.10 17.38 -1.55
N LEU A 266 -1.79 16.31 -1.95
CA LEU A 266 -1.32 14.97 -1.58
C LEU A 266 -0.01 14.69 -2.32
N PRO A 267 1.03 14.25 -1.58
CA PRO A 267 2.37 14.09 -2.21
C PRO A 267 2.55 12.84 -3.08
N GLY A 268 1.78 11.79 -2.82
CA GLY A 268 2.01 10.51 -3.45
C GLY A 268 0.82 9.55 -3.45
N VAL A 269 0.75 8.81 -4.54
CA VAL A 269 -0.19 7.75 -4.76
C VAL A 269 0.65 6.52 -4.99
N MET A 270 0.57 5.59 -4.07
CA MET A 270 1.40 4.40 -4.05
C MET A 270 0.49 3.20 -4.32
N PHE A 271 0.44 2.73 -5.56
CA PHE A 271 -0.57 1.73 -5.93
C PHE A 271 -0.35 0.38 -5.29
N LEU A 272 -1.47 -0.26 -4.95
CA LEU A 272 -1.46 -1.66 -4.65
C LEU A 272 -1.49 -2.43 -5.96
N SER A 273 -1.00 -3.67 -5.96
CA SER A 273 -0.94 -4.41 -7.22
C SER A 273 -2.08 -5.41 -7.32
N GLY A 274 -2.76 -5.67 -6.21
CA GLY A 274 -3.84 -6.64 -6.21
C GLY A 274 -3.33 -7.97 -6.74
N GLY A 275 -4.01 -8.51 -7.74
CA GLY A 275 -3.64 -9.83 -8.23
C GLY A 275 -2.69 -9.83 -9.42
N GLN A 276 -2.20 -8.67 -9.79
CA GLN A 276 -1.37 -8.55 -10.98
C GLN A 276 -0.05 -9.30 -10.91
N SER A 277 0.41 -9.76 -12.06
CA SER A 277 1.75 -10.33 -12.17
C SER A 277 2.78 -9.27 -11.86
N GLU A 278 3.96 -9.73 -11.48
CA GLU A 278 5.11 -8.88 -11.24
C GLU A 278 5.33 -7.97 -12.45
N GLU A 279 5.27 -8.54 -13.64
CA GLU A 279 5.54 -7.76 -14.84
C GLU A 279 4.41 -6.78 -15.17
N ASP A 280 3.15 -7.19 -15.02
CA ASP A 280 2.05 -6.26 -15.28
C ASP A 280 2.11 -5.07 -14.33
N ALA A 281 2.42 -5.35 -13.07
CA ALA A 281 2.43 -4.31 -12.06
C ALA A 281 3.47 -3.25 -12.40
N SER A 282 4.63 -3.71 -12.87
CA SER A 282 5.65 -2.77 -13.32
C SER A 282 5.25 -2.04 -14.59
N LEU A 283 4.73 -2.76 -15.59
CA LEU A 283 4.43 -2.13 -16.87
C LEU A 283 3.27 -1.13 -16.74
N ASN A 284 2.29 -1.45 -15.90
CA ASN A 284 1.18 -0.54 -15.70
C ASN A 284 1.66 0.75 -15.04
N LEU A 285 2.56 0.63 -14.07
CA LEU A 285 3.07 1.84 -13.42
C LEU A 285 3.91 2.62 -14.42
N ASN A 286 4.75 1.91 -15.17
CA ASN A 286 5.60 2.58 -16.14
C ASN A 286 4.78 3.42 -17.14
N GLU A 287 3.70 2.81 -17.61
CA GLU A 287 2.83 3.46 -18.59
C GLU A 287 2.22 4.74 -18.03
N MET A 288 1.84 4.73 -16.76
CA MET A 288 1.34 5.95 -16.12
C MET A 288 2.39 7.05 -16.07
N ASN A 289 3.66 6.67 -15.88
CA ASN A 289 4.69 7.68 -15.76
C ASN A 289 5.38 8.04 -17.08
N LYS A 290 4.93 7.42 -18.17
CA LYS A 290 5.22 7.96 -19.47
C LYS A 290 4.26 9.13 -19.74
N MET A 291 3.09 9.11 -19.10
CA MET A 291 2.08 10.17 -19.26
C MET A 291 2.38 11.40 -18.42
N GLY A 292 3.53 11.41 -17.75
CA GLY A 292 3.88 12.49 -16.82
C GLY A 292 4.30 13.75 -17.55
N PRO A 293 4.68 14.80 -16.79
CA PRO A 293 4.74 14.82 -15.32
C PRO A 293 3.36 14.98 -14.68
N HIS A 294 3.26 14.54 -13.44
CA HIS A 294 1.97 14.53 -12.75
C HIS A 294 1.97 15.47 -11.56
N PRO A 295 0.76 15.78 -11.05
CA PRO A 295 0.61 16.67 -9.90
C PRO A 295 0.95 16.04 -8.56
N PHE A 296 1.09 14.71 -8.55
CA PHE A 296 1.56 13.96 -7.38
C PHE A 296 2.43 12.82 -7.93
N GLN A 297 3.27 12.26 -7.08
CA GLN A 297 4.09 11.13 -7.49
C GLN A 297 3.21 9.92 -7.61
N LEU A 298 3.37 9.21 -8.72
CA LEU A 298 2.69 7.96 -8.93
C LEU A 298 3.72 6.87 -8.80
N SER A 299 3.54 6.04 -7.79
CA SER A 299 4.54 5.03 -7.48
C SER A 299 3.87 3.74 -6.97
N PHE A 300 4.60 2.94 -6.21
CA PHE A 300 4.13 1.60 -5.86
C PHE A 300 4.18 1.31 -4.37
N SER A 301 3.22 0.54 -3.89
CA SER A 301 3.37 -0.15 -2.61
C SER A 301 2.97 -1.59 -2.82
N TYR A 302 3.96 -2.41 -3.14
CA TYR A 302 3.72 -3.74 -3.66
C TYR A 302 4.13 -4.79 -2.65
N GLY A 303 3.30 -5.81 -2.50
CA GLY A 303 3.70 -7.00 -1.78
C GLY A 303 4.17 -8.12 -2.70
N ARG A 304 3.23 -8.85 -3.22
CA ARG A 304 3.44 -9.97 -4.11
C ARG A 304 4.15 -9.56 -5.36
N ALA A 305 3.80 -8.40 -5.87
CA ALA A 305 4.41 -7.93 -7.10
C ALA A 305 5.91 -7.65 -6.91
N LEU A 306 6.34 -7.52 -5.66
CA LEU A 306 7.78 -7.44 -5.38
C LEU A 306 8.39 -8.74 -4.88
N GLN A 307 7.56 -9.62 -4.32
CA GLN A 307 8.03 -10.80 -3.57
C GLN A 307 7.82 -12.18 -4.23
N ALA A 308 6.89 -12.25 -5.18
CA ALA A 308 6.47 -13.55 -5.73
C ALA A 308 7.64 -14.42 -6.17
N SER A 309 8.52 -13.87 -7.00
CA SER A 309 9.67 -14.61 -7.52
C SER A 309 10.74 -14.82 -6.44
N CYS A 310 10.87 -13.84 -5.55
CA CYS A 310 11.82 -13.91 -4.46
C CYS A 310 11.57 -15.18 -3.64
N LEU A 311 10.31 -15.38 -3.32
CA LEU A 311 9.83 -16.53 -2.56
C LEU A 311 10.03 -17.85 -3.29
N LYS A 312 9.61 -17.88 -4.56
CA LYS A 312 9.77 -19.04 -5.42
C LYS A 312 11.24 -19.42 -5.59
N ALA A 313 12.14 -18.45 -5.47
CA ALA A 313 13.57 -18.67 -5.62
C ALA A 313 14.19 -19.13 -4.30
N TRP A 314 13.65 -18.62 -3.20
CA TRP A 314 14.12 -18.98 -1.87
C TRP A 314 13.78 -20.44 -1.54
N LYS A 315 12.50 -20.79 -1.70
CA LYS A 315 12.04 -22.17 -1.53
C LYS A 315 12.21 -22.70 -0.11
N GLY A 316 12.61 -21.85 0.83
CA GLY A 316 12.87 -22.29 2.19
C GLY A 316 14.31 -22.72 2.41
N VAL A 317 15.04 -22.88 1.31
CA VAL A 317 16.42 -23.31 1.36
C VAL A 317 17.32 -22.11 1.62
N PRO A 318 18.09 -22.13 2.72
CA PRO A 318 18.91 -20.94 2.99
C PRO A 318 20.10 -20.71 2.04
N GLU A 319 20.52 -21.75 1.33
CA GLU A 319 21.56 -21.57 0.31
C GLU A 319 20.99 -20.86 -0.92
N ASN A 320 19.67 -20.76 -1.01
CA ASN A 320 19.00 -20.05 -2.09
C ASN A 320 18.77 -18.57 -1.74
N LYS A 321 19.42 -18.11 -0.69
CA LYS A 321 19.18 -16.77 -0.17
C LYS A 321 19.72 -15.68 -1.10
N ALA A 322 20.90 -15.92 -1.67
CA ALA A 322 21.52 -14.96 -2.57
C ALA A 322 20.69 -14.84 -3.83
N LYS A 323 20.30 -15.98 -4.40
CA LYS A 323 19.46 -15.96 -5.60
C LYS A 323 18.14 -15.24 -5.33
N ALA A 324 17.56 -15.46 -4.16
CA ALA A 324 16.28 -14.85 -3.84
C ALA A 324 16.41 -13.33 -3.75
N GLN A 325 17.50 -12.86 -3.15
CA GLN A 325 17.69 -11.43 -2.99
C GLN A 325 17.98 -10.76 -4.33
N GLN A 326 18.61 -11.53 -5.22
CA GLN A 326 18.90 -11.07 -6.58
C GLN A 326 17.57 -10.78 -7.29
N VAL A 327 16.59 -11.67 -7.16
CA VAL A 327 15.37 -11.45 -7.94
C VAL A 327 14.54 -10.36 -7.27
N LEU A 328 14.62 -10.21 -5.95
CA LEU A 328 13.94 -9.08 -5.27
C LEU A 328 14.49 -7.78 -5.82
N MET A 329 15.81 -7.73 -5.99
CA MET A 329 16.46 -6.52 -6.49
C MET A 329 16.04 -6.24 -7.92
N GLU A 330 15.92 -7.29 -8.72
CA GLU A 330 15.49 -7.14 -10.10
C GLU A 330 14.11 -6.49 -10.11
N ARG A 331 13.25 -6.88 -9.17
CA ARG A 331 11.88 -6.34 -9.20
C ARG A 331 11.81 -4.96 -8.58
N ALA A 332 12.63 -4.71 -7.56
CA ALA A 332 12.73 -3.39 -6.97
C ALA A 332 13.22 -2.39 -8.00
N ARG A 333 14.20 -2.82 -8.78
CA ARG A 333 14.75 -1.97 -9.84
C ARG A 333 13.73 -1.70 -10.94
N ALA A 334 13.06 -2.75 -11.40
CA ALA A 334 11.99 -2.62 -12.39
C ALA A 334 10.96 -1.57 -11.94
N ASN A 335 10.53 -1.64 -10.69
CA ASN A 335 9.48 -0.73 -10.23
C ASN A 335 9.98 0.69 -9.92
N GLY A 336 11.20 0.80 -9.45
CA GLY A 336 11.83 2.11 -9.36
C GLY A 336 11.97 2.77 -10.72
N GLU A 337 12.40 2.02 -11.73
CA GLU A 337 12.49 2.55 -13.09
C GLU A 337 11.10 2.90 -13.65
N ALA A 338 10.11 2.07 -13.34
CA ALA A 338 8.75 2.34 -13.74
C ALA A 338 8.20 3.63 -13.13
N GLN A 339 8.57 3.90 -11.87
CA GLN A 339 8.19 5.16 -11.25
C GLN A 339 8.64 6.34 -12.11
N LEU A 340 9.77 6.17 -12.78
CA LEU A 340 10.34 7.25 -13.59
C LEU A 340 9.87 7.18 -15.03
N GLY A 341 9.02 6.21 -15.38
CA GLY A 341 8.63 5.99 -16.77
C GLY A 341 9.75 5.46 -17.66
N LYS A 342 10.71 4.77 -17.06
CA LYS A 342 11.93 4.33 -17.77
C LYS A 342 12.17 2.80 -17.72
N TYR A 343 11.14 2.04 -17.38
CA TYR A 343 11.27 0.60 -17.35
C TYR A 343 11.21 0.04 -18.78
N GLY A 344 12.18 -0.80 -19.14
CA GLY A 344 12.33 -1.26 -20.52
C GLY A 344 11.68 -2.61 -20.82
N GLY A 345 10.95 -3.14 -19.86
CA GLY A 345 10.32 -4.45 -19.99
C GLY A 345 11.27 -5.51 -19.50
N GLY A 346 10.76 -6.72 -19.24
CA GLY A 346 11.62 -7.83 -18.83
C GLY A 346 11.03 -9.19 -19.15
N TYR A 361 -8.36 10.84 -25.64
CA TYR A 361 -8.90 10.99 -24.29
C TYR A 361 -10.36 10.51 -24.27
N VAL A 362 -10.70 9.71 -23.26
CA VAL A 362 -12.07 9.26 -23.05
C VAL A 362 -12.67 9.95 -21.83
N TYR A 363 -13.79 10.63 -22.04
CA TYR A 363 -14.42 11.42 -20.98
C TYR A 363 -15.52 10.64 -20.28
C1 GOL B . -4.31 -7.33 5.83
O1 GOL B . -5.37 -6.90 4.99
C2 GOL B . -4.46 -8.81 6.16
O2 GOL B . -4.25 -9.57 4.99
C3 GOL B . -3.43 -9.21 7.20
O3 GOL B . -2.23 -9.57 6.56
H11 GOL B . -4.33 -6.75 6.75
H12 GOL B . -3.36 -7.16 5.34
HO1 GOL B . -5.29 -5.94 4.85
H2 GOL B . -5.45 -8.99 6.56
HO2 GOL B . -3.35 -9.41 4.65
H31 GOL B . -3.25 -8.37 7.88
H32 GOL B . -3.80 -10.04 7.79
HO3 GOL B . -1.96 -8.86 5.94
#